data_6CW5
#
_entry.id   6CW5
#
_cell.length_a   80.010
_cell.length_b   80.010
_cell.length_c   81.130
_cell.angle_alpha   90.000
_cell.angle_beta   90.000
_cell.angle_gamma   120.000
#
_symmetry.space_group_name_H-M   'P 32 2 1'
#
loop_
_entity.id
_entity.type
_entity.pdbx_description
1 polymer Ribokinase
2 non-polymer GLYCEROL
3 non-polymer 'PHOSPHATE ION'
4 water water
#
_entity_poly.entity_id   1
_entity_poly.type   'polypeptide(L)'
_entity_poly.pdbx_seq_one_letter_code
;MAHHHHHHMSTSSRCLVRGSVNIDEFFHLPHIVRPGETISSTGLTKRAGGKGANQAFAVARAGGQVELDGAIGDDGIWVK
EMLESAGVGTDKLKIVKDEVTGRAVIQSAADGENSIVLHAGANYYLPSPTPTTSLATYTHLLVQNEVPLSSTLAYLTAAG
QSSPPLTSVFNPSPMLTPAQLREFPWKHLSWLIVNEGELGDLLLAFGSSANPGEAKEDELQAKASAGILELHENDYFSKN
VGIICTLGAKGILCYEPGKEVGYLPAAKLQNPVKDTTGAGDCFAGYFVAGLMSGKSLQDALKTCLVACGICVENEGAMES
VPTLNAVKERLA
;
_entity_poly.pdbx_strand_id   A
#
loop_
_chem_comp.id
_chem_comp.type
_chem_comp.name
_chem_comp.formula
GOL non-polymer GLYCEROL 'C3 H8 O3'
PO4 non-polymer 'PHOSPHATE ION' 'O4 P -3'
#
# COMPACT_ATOMS: atom_id res chain seq x y z
N SER A 12 18.33 2.84 -15.27
CA SER A 12 17.23 3.79 -15.14
C SER A 12 16.03 3.16 -14.44
N SER A 13 15.51 3.83 -13.43
CA SER A 13 14.55 3.18 -12.55
C SER A 13 13.15 3.13 -13.15
N ARG A 14 12.49 1.98 -12.99
CA ARG A 14 11.13 1.81 -13.45
CA ARG A 14 11.14 1.78 -13.47
C ARG A 14 10.44 0.84 -12.50
N CYS A 15 9.24 1.20 -12.07
CA CYS A 15 8.50 0.43 -11.08
C CYS A 15 7.35 -0.31 -11.73
N LEU A 16 7.20 -1.59 -11.41
CA LEU A 16 5.99 -2.32 -11.76
C LEU A 16 5.15 -2.46 -10.50
N VAL A 17 3.90 -2.02 -10.58
CA VAL A 17 2.91 -2.26 -9.53
C VAL A 17 2.06 -3.43 -9.98
N ARG A 18 2.12 -4.54 -9.26
CA ARG A 18 1.25 -5.67 -9.53
C ARG A 18 0.18 -5.59 -8.44
N GLY A 19 -1.03 -5.17 -8.80
CA GLY A 19 -1.99 -4.93 -7.74
C GLY A 19 -3.35 -4.55 -8.27
N SER A 20 -4.14 -4.01 -7.37
CA SER A 20 -5.58 -3.89 -7.56
C SER A 20 -5.98 -2.52 -8.08
N VAL A 21 -7.17 -2.48 -8.70
CA VAL A 21 -7.89 -1.26 -9.03
C VAL A 21 -9.29 -1.40 -8.46
N ASN A 22 -9.72 -0.41 -7.68
CA ASN A 22 -11.04 -0.42 -7.08
C ASN A 22 -11.80 0.83 -7.48
N ILE A 23 -13.11 0.67 -7.61
CA ILE A 23 -14.02 1.82 -7.55
C ILE A 23 -14.42 1.92 -6.09
N ASP A 24 -14.03 3.01 -5.43
CA ASP A 24 -14.32 3.23 -4.02
C ASP A 24 -15.68 3.89 -3.91
N GLU A 25 -16.54 3.34 -3.06
CA GLU A 25 -17.83 3.96 -2.77
C GLU A 25 -17.79 4.38 -1.30
N PHE A 26 -17.76 5.69 -1.06
CA PHE A 26 -17.78 6.24 0.29
C PHE A 26 -19.23 6.53 0.68
N PHE A 27 -19.74 5.75 1.63
CA PHE A 27 -21.05 5.97 2.24
C PHE A 27 -20.88 6.77 3.53
N HIS A 28 -21.36 8.00 3.53
CA HIS A 28 -21.21 8.84 4.71
C HIS A 28 -22.25 8.47 5.76
N LEU A 29 -21.80 8.20 6.98
CA LEU A 29 -22.64 7.64 8.03
C LEU A 29 -22.35 8.27 9.38
N PRO A 30 -23.33 8.30 10.29
CA PRO A 30 -23.04 8.83 11.62
C PRO A 30 -22.12 7.94 12.42
N HIS A 31 -22.09 6.64 12.12
CA HIS A 31 -21.22 5.70 12.82
C HIS A 31 -21.21 4.44 11.97
N ILE A 32 -20.24 3.56 12.24
CA ILE A 32 -20.15 2.30 11.52
C ILE A 32 -21.34 1.43 11.88
N VAL A 33 -21.97 0.80 10.86
CA VAL A 33 -23.19 0.05 11.16
C VAL A 33 -22.83 -1.19 11.98
N ARG A 34 -23.67 -1.47 12.97
CA ARG A 34 -23.47 -2.57 13.90
C ARG A 34 -24.30 -3.78 13.49
N PRO A 35 -23.94 -4.98 13.95
CA PRO A 35 -24.72 -6.17 13.62
C PRO A 35 -26.21 -6.00 13.91
N GLY A 36 -27.04 -6.32 12.93
CA GLY A 36 -28.46 -6.25 13.08
C GLY A 36 -29.06 -4.88 12.81
N GLU A 37 -28.24 -3.87 12.57
CA GLU A 37 -28.73 -2.50 12.43
C GLU A 37 -29.00 -2.17 10.96
N THR A 38 -30.00 -1.33 10.72
CA THR A 38 -30.21 -0.68 9.41
C THR A 38 -30.03 0.82 9.60
N ILE A 39 -29.18 1.43 8.78
CA ILE A 39 -28.88 2.85 8.95
C ILE A 39 -28.81 3.49 7.56
N SER A 40 -29.19 4.76 7.48
CA SER A 40 -29.22 5.48 6.20
C SER A 40 -27.95 6.29 6.02
N SER A 41 -27.26 6.10 4.89
CA SER A 41 -26.15 6.99 4.59
C SER A 41 -26.67 8.39 4.27
N THR A 42 -25.86 9.41 4.60
CA THR A 42 -26.22 10.79 4.30
C THR A 42 -25.74 11.26 2.95
N GLY A 43 -24.96 10.44 2.26
CA GLY A 43 -24.36 10.83 1.00
C GLY A 43 -23.50 9.67 0.53
N LEU A 44 -23.22 9.66 -0.77
CA LEU A 44 -22.38 8.65 -1.39
C LEU A 44 -21.43 9.36 -2.33
N THR A 45 -20.16 9.02 -2.26
CA THR A 45 -19.14 9.58 -3.11
C THR A 45 -18.41 8.41 -3.76
N LYS A 46 -18.30 8.43 -5.09
CA LYS A 46 -17.54 7.40 -5.79
C LYS A 46 -16.21 7.99 -6.24
N ARG A 47 -15.12 7.27 -6.01
CA ARG A 47 -13.81 7.78 -6.40
C ARG A 47 -12.97 6.62 -6.90
N ALA A 48 -12.02 6.92 -7.78
CA ALA A 48 -11.03 5.91 -8.15
C ALA A 48 -10.19 5.53 -6.94
N GLY A 49 -9.91 4.25 -6.81
CA GLY A 49 -9.14 3.76 -5.68
C GLY A 49 -8.45 2.42 -5.98
N GLY A 50 -8.21 1.66 -4.90
CA GLY A 50 -7.50 0.39 -4.95
C GLY A 50 -6.04 0.54 -4.55
N LYS A 51 -5.52 -0.43 -3.79
CA LYS A 51 -4.12 -0.35 -3.36
C LYS A 51 -3.17 -0.19 -4.55
N GLY A 52 -3.37 -0.97 -5.61
CA GLY A 52 -2.45 -0.89 -6.73
C GLY A 52 -2.54 0.44 -7.47
N ALA A 53 -3.76 0.86 -7.83
CA ALA A 53 -3.90 2.11 -8.56
C ALA A 53 -3.44 3.31 -7.73
N ASN A 54 -3.83 3.36 -6.44
CA ASN A 54 -3.44 4.47 -5.57
C ASN A 54 -1.92 4.60 -5.51
N GLN A 55 -1.24 3.47 -5.27
CA GLN A 55 0.20 3.51 -5.12
C GLN A 55 0.89 3.81 -6.46
N ALA A 56 0.34 3.28 -7.57
CA ALA A 56 0.92 3.62 -8.88
C ALA A 56 0.76 5.10 -9.19
N PHE A 57 -0.43 5.63 -8.91
CA PHE A 57 -0.71 7.04 -9.09
C PHE A 57 0.28 7.91 -8.31
N ALA A 58 0.59 7.49 -7.08
CA ALA A 58 1.52 8.26 -6.25
C ALA A 58 2.94 8.15 -6.78
N VAL A 59 3.37 6.98 -7.26
CA VAL A 59 4.69 6.90 -7.88
C VAL A 59 4.77 7.89 -9.02
N ALA A 60 3.74 7.91 -9.87
CA ALA A 60 3.72 8.79 -11.02
C ALA A 60 3.70 10.26 -10.60
N ARG A 61 2.85 10.61 -9.64
CA ARG A 61 2.79 12.01 -9.22
C ARG A 61 4.10 12.45 -8.58
N ALA A 62 4.82 11.53 -7.97
CA ALA A 62 6.11 11.82 -7.37
C ALA A 62 7.25 11.87 -8.39
N GLY A 63 6.97 11.56 -9.65
CA GLY A 63 7.96 11.69 -10.70
C GLY A 63 8.62 10.40 -11.16
N GLY A 64 8.14 9.25 -10.73
CA GLY A 64 8.71 7.98 -11.12
C GLY A 64 8.02 7.35 -12.32
N GLN A 65 8.79 6.60 -13.11
CA GLN A 65 8.22 5.82 -14.21
C GLN A 65 7.57 4.59 -13.62
N VAL A 66 6.29 4.37 -13.90
CA VAL A 66 5.59 3.28 -13.25
C VAL A 66 4.59 2.70 -14.23
N GLU A 67 4.40 1.38 -14.13
CA GLU A 67 3.43 0.61 -14.90
CA GLU A 67 3.39 0.68 -14.88
C GLU A 67 2.57 -0.19 -13.94
N LEU A 68 1.28 -0.33 -14.24
CA LEU A 68 0.36 -1.10 -13.41
C LEU A 68 -0.07 -2.38 -14.14
N ASP A 69 0.05 -3.52 -13.46
CA ASP A 69 -0.31 -4.83 -14.02
C ASP A 69 -1.50 -5.34 -13.20
N GLY A 70 -2.65 -5.55 -13.85
CA GLY A 70 -3.83 -5.97 -13.11
C GLY A 70 -5.02 -6.02 -14.06
N ALA A 71 -6.24 -5.85 -13.55
CA ALA A 71 -7.39 -5.98 -14.43
C ALA A 71 -8.54 -5.16 -13.91
N ILE A 72 -9.36 -4.66 -14.84
CA ILE A 72 -10.60 -3.96 -14.53
C ILE A 72 -11.71 -4.55 -15.38
N GLY A 73 -12.94 -4.15 -15.07
CA GLY A 73 -14.03 -4.38 -16.00
C GLY A 73 -14.28 -3.15 -16.88
N ASP A 74 -15.18 -3.32 -17.85
CA ASP A 74 -15.60 -2.20 -18.69
C ASP A 74 -15.94 -0.96 -17.86
N ASP A 75 -16.55 -1.18 -16.68
CA ASP A 75 -17.04 -0.05 -15.89
C ASP A 75 -15.92 0.72 -15.22
N GLY A 76 -14.68 0.26 -15.31
CA GLY A 76 -13.56 0.93 -14.71
C GLY A 76 -12.67 1.65 -15.70
N ILE A 77 -13.05 1.73 -16.97
CA ILE A 77 -12.17 2.37 -17.96
C ILE A 77 -11.87 3.80 -17.56
N TRP A 78 -12.80 4.50 -16.90
CA TRP A 78 -12.53 5.87 -16.48
C TRP A 78 -11.39 5.93 -15.46
N VAL A 79 -11.19 4.88 -14.68
CA VAL A 79 -10.03 4.83 -13.78
C VAL A 79 -8.76 4.58 -14.58
N LYS A 80 -8.82 3.66 -15.55
CA LYS A 80 -7.68 3.45 -16.44
C LYS A 80 -7.28 4.75 -17.14
N GLU A 81 -8.27 5.55 -17.53
CA GLU A 81 -7.96 6.81 -18.22
C GLU A 81 -7.34 7.84 -17.27
N MET A 82 -7.78 7.86 -16.00
CA MET A 82 -7.14 8.71 -15.01
C MET A 82 -5.70 8.31 -14.80
N LEU A 83 -5.45 7.01 -14.64
CA LEU A 83 -4.08 6.53 -14.49
C LEU A 83 -3.22 6.96 -15.66
N GLU A 84 -3.73 6.78 -16.88
CA GLU A 84 -2.97 7.17 -18.06
C GLU A 84 -2.70 8.66 -18.08
N SER A 85 -3.68 9.48 -17.66
CA SER A 85 -3.45 10.91 -17.71
C SER A 85 -2.39 11.34 -16.70
N ALA A 86 -2.16 10.54 -15.67
CA ALA A 86 -1.10 10.84 -14.72
C ALA A 86 0.27 10.30 -15.12
N GLY A 87 0.36 9.54 -16.22
CA GLY A 87 1.62 8.99 -16.66
C GLY A 87 1.86 7.54 -16.29
N VAL A 88 0.88 6.89 -15.65
CA VAL A 88 1.00 5.48 -15.29
C VAL A 88 0.82 4.63 -16.54
N GLY A 89 1.78 3.72 -16.80
CA GLY A 89 1.64 2.83 -17.93
C GLY A 89 0.59 1.78 -17.67
N THR A 90 -0.25 1.51 -18.69
CA THR A 90 -1.39 0.62 -18.50
C THR A 90 -1.47 -0.50 -19.55
N ASP A 91 -0.40 -0.77 -20.30
CA ASP A 91 -0.47 -1.87 -21.27
C ASP A 91 -0.86 -3.18 -20.61
N LYS A 92 -0.50 -3.37 -19.34
CA LYS A 92 -0.77 -4.61 -18.63
C LYS A 92 -2.01 -4.51 -17.75
N LEU A 93 -2.80 -3.45 -17.91
CA LEU A 93 -4.06 -3.29 -17.16
C LEU A 93 -5.17 -3.80 -18.07
N LYS A 94 -5.57 -5.05 -17.83
CA LYS A 94 -6.45 -5.76 -18.73
C LYS A 94 -7.89 -5.34 -18.48
N ILE A 95 -8.67 -5.27 -19.55
CA ILE A 95 -10.10 -5.00 -19.46
C ILE A 95 -10.84 -6.30 -19.72
N VAL A 96 -11.60 -6.75 -18.73
CA VAL A 96 -12.16 -8.09 -18.73
C VAL A 96 -13.64 -8.00 -19.09
N LYS A 97 -14.01 -8.69 -20.16
CA LYS A 97 -15.40 -8.73 -20.58
C LYS A 97 -16.24 -9.51 -19.56
N ASP A 98 -17.47 -9.06 -19.35
CA ASP A 98 -18.39 -9.73 -18.44
C ASP A 98 -17.85 -9.82 -17.01
N GLU A 99 -16.98 -8.90 -16.62
CA GLU A 99 -16.50 -8.79 -15.25
C GLU A 99 -16.65 -7.34 -14.80
N VAL A 100 -16.76 -7.13 -13.50
CA VAL A 100 -16.83 -5.77 -12.99
C VAL A 100 -15.51 -5.42 -12.34
N THR A 101 -15.18 -4.14 -12.38
CA THR A 101 -14.05 -3.64 -11.61
C THR A 101 -14.26 -3.94 -10.13
N GLY A 102 -13.17 -4.26 -9.43
CA GLY A 102 -13.26 -4.46 -8.01
C GLY A 102 -13.77 -3.22 -7.31
N ARG A 103 -14.37 -3.44 -6.14
CA ARG A 103 -15.05 -2.37 -5.42
C ARG A 103 -14.58 -2.36 -3.97
N ALA A 104 -14.46 -1.16 -3.41
CA ALA A 104 -14.32 -1.01 -1.96
C ALA A 104 -15.56 -0.31 -1.46
N VAL A 105 -16.32 -0.96 -0.58
CA VAL A 105 -17.49 -0.33 0.01
C VAL A 105 -17.01 0.26 1.33
N ILE A 106 -16.93 1.58 1.41
CA ILE A 106 -16.30 2.27 2.54
C ILE A 106 -17.36 2.98 3.35
N GLN A 107 -17.48 2.60 4.62
CA GLN A 107 -18.31 3.32 5.55
C GLN A 107 -17.45 4.44 6.12
N SER A 108 -17.82 5.68 5.82
CA SER A 108 -17.09 6.85 6.29
C SER A 108 -17.86 7.41 7.48
N ALA A 109 -17.41 7.06 8.68
CA ALA A 109 -18.09 7.42 9.91
C ALA A 109 -17.77 8.85 10.30
N ALA A 110 -18.77 9.55 10.82
CA ALA A 110 -18.56 10.92 11.27
C ALA A 110 -17.56 10.97 12.41
N ASP A 111 -17.65 10.03 13.34
CA ASP A 111 -16.84 10.02 14.55
C ASP A 111 -16.27 8.62 14.74
N GLY A 112 -15.44 8.20 13.80
CA GLY A 112 -14.84 6.89 13.91
C GLY A 112 -13.85 6.63 12.80
N GLU A 113 -13.09 5.55 12.98
CA GLU A 113 -12.36 4.98 11.87
C GLU A 113 -13.35 4.50 10.83
N ASN A 114 -12.93 4.53 9.58
CA ASN A 114 -13.73 3.97 8.51
C ASN A 114 -13.61 2.45 8.52
N SER A 115 -14.52 1.79 7.81
CA SER A 115 -14.51 0.34 7.65
C SER A 115 -14.70 0.03 6.18
N ILE A 116 -13.97 -0.96 5.68
CA ILE A 116 -13.93 -1.25 4.25
C ILE A 116 -14.32 -2.71 4.00
N VAL A 117 -15.23 -2.91 3.06
CA VAL A 117 -15.56 -4.23 2.54
C VAL A 117 -15.09 -4.28 1.10
N LEU A 118 -14.22 -5.23 0.77
CA LEU A 118 -13.72 -5.35 -0.60
C LEU A 118 -14.55 -6.37 -1.37
N HIS A 119 -14.78 -6.09 -2.65
CA HIS A 119 -15.30 -7.09 -3.57
C HIS A 119 -14.27 -7.21 -4.67
N ALA A 120 -13.64 -8.38 -4.80
CA ALA A 120 -12.47 -8.51 -5.67
C ALA A 120 -12.79 -8.18 -7.13
N GLY A 121 -13.87 -8.76 -7.65
CA GLY A 121 -14.21 -8.52 -9.07
C GLY A 121 -13.01 -8.86 -9.97
N ALA A 122 -12.73 -7.96 -10.91
CA ALA A 122 -11.65 -8.20 -11.87
C ALA A 122 -10.27 -8.26 -11.22
N ASN A 123 -10.13 -7.79 -9.98
CA ASN A 123 -8.81 -7.87 -9.36
C ASN A 123 -8.35 -9.30 -9.17
N TYR A 124 -9.27 -10.26 -9.13
CA TYR A 124 -8.91 -11.67 -9.00
C TYR A 124 -9.00 -12.42 -10.32
N TYR A 125 -9.06 -11.70 -11.43
CA TYR A 125 -9.00 -12.31 -12.76
C TYR A 125 -7.56 -12.59 -13.14
N LEU A 126 -7.35 -13.78 -13.69
CA LEU A 126 -6.08 -14.13 -14.29
C LEU A 126 -6.38 -14.65 -15.69
N PRO A 127 -5.71 -14.13 -16.71
CA PRO A 127 -6.03 -14.57 -18.08
C PRO A 127 -5.47 -15.95 -18.36
N SER A 128 -6.22 -16.70 -19.23
CA SER A 128 -5.76 -17.99 -19.73
C SER A 128 -5.38 -17.86 -21.20
N PRO A 129 -4.29 -18.50 -21.66
CA PRO A 129 -3.29 -19.20 -20.82
C PRO A 129 -2.49 -18.21 -20.04
N THR A 130 -1.79 -18.68 -19.02
CA THR A 130 -0.96 -17.77 -18.24
C THR A 130 0.20 -17.32 -19.11
N PRO A 131 0.36 -16.04 -19.35
CA PRO A 131 1.42 -15.61 -20.26
C PRO A 131 2.75 -15.44 -19.52
N THR A 132 3.82 -15.36 -20.32
CA THR A 132 5.10 -14.91 -19.81
C THR A 132 4.92 -13.50 -19.26
N THR A 133 5.40 -13.27 -18.05
CA THR A 133 5.58 -11.92 -17.54
C THR A 133 7.07 -11.70 -17.27
N SER A 134 7.66 -10.76 -17.98
CA SER A 134 9.07 -10.44 -17.82
C SER A 134 9.16 -9.25 -16.89
N LEU A 135 10.17 -9.27 -16.05
CA LEU A 135 10.49 -8.13 -15.22
C LEU A 135 11.67 -7.35 -15.78
N ALA A 136 12.05 -7.63 -17.04
CA ALA A 136 13.32 -7.17 -17.56
C ALA A 136 13.46 -5.66 -17.52
N THR A 137 12.36 -4.92 -17.72
CA THR A 137 12.50 -3.46 -17.78
C THR A 137 12.41 -2.80 -16.43
N TYR A 138 12.19 -3.55 -15.36
CA TYR A 138 11.87 -2.97 -14.05
C TYR A 138 13.03 -3.10 -13.08
N THR A 139 13.20 -2.05 -12.27
CA THR A 139 14.12 -2.07 -11.14
C THR A 139 13.41 -2.21 -9.81
N HIS A 140 12.11 -1.89 -9.75
CA HIS A 140 11.35 -1.88 -8.50
C HIS A 140 10.02 -2.58 -8.72
N LEU A 141 9.57 -3.32 -7.70
CA LEU A 141 8.27 -3.98 -7.68
C LEU A 141 7.51 -3.52 -6.46
N LEU A 142 6.24 -3.17 -6.65
CA LEU A 142 5.35 -2.83 -5.54
C LEU A 142 4.16 -3.78 -5.56
N VAL A 143 3.88 -4.42 -4.41
CA VAL A 143 2.80 -5.40 -4.30
C VAL A 143 2.05 -5.15 -3.00
N GLN A 144 0.79 -5.55 -2.99
CA GLN A 144 -0.04 -5.45 -1.79
C GLN A 144 -0.75 -6.77 -1.65
N ASN A 145 -2.02 -6.76 -1.20
CA ASN A 145 -2.67 -8.06 -1.06
C ASN A 145 -4.12 -8.02 -1.52
N GLU A 146 -4.43 -7.22 -2.53
CA GLU A 146 -5.81 -7.14 -3.04
C GLU A 146 -6.00 -7.91 -4.33
N VAL A 147 -5.01 -8.72 -4.74
CA VAL A 147 -5.10 -9.62 -5.88
C VAL A 147 -4.78 -11.02 -5.36
N PRO A 148 -4.89 -12.09 -6.18
CA PRO A 148 -4.70 -13.44 -5.62
C PRO A 148 -3.31 -13.55 -5.06
N LEU A 149 -3.20 -14.15 -3.86
CA LEU A 149 -1.90 -14.18 -3.22
C LEU A 149 -0.88 -14.92 -4.05
N SER A 150 -1.30 -16.00 -4.74
CA SER A 150 -0.35 -16.74 -5.55
C SER A 150 0.30 -15.85 -6.60
N SER A 151 -0.46 -14.86 -7.09
CA SER A 151 0.10 -13.96 -8.12
C SER A 151 1.10 -13.01 -7.49
N THR A 152 0.75 -12.40 -6.36
CA THR A 152 1.73 -11.60 -5.62
C THR A 152 2.99 -12.42 -5.31
N LEU A 153 2.82 -13.66 -4.82
CA LEU A 153 4.00 -14.49 -4.53
C LEU A 153 4.85 -14.72 -5.78
N ALA A 154 4.20 -14.99 -6.91
CA ALA A 154 4.95 -15.25 -8.14
C ALA A 154 5.76 -14.04 -8.56
N TYR A 155 5.18 -12.84 -8.51
CA TYR A 155 5.91 -11.65 -8.94
C TYR A 155 7.05 -11.33 -7.97
N LEU A 156 6.79 -11.44 -6.67
CA LEU A 156 7.86 -11.20 -5.68
C LEU A 156 9.00 -12.19 -5.87
N THR A 157 8.68 -13.46 -6.09
CA THR A 157 9.73 -14.46 -6.29
C THR A 157 10.53 -14.16 -7.53
N ALA A 158 9.86 -13.79 -8.62
CA ALA A 158 10.57 -13.44 -9.84
C ALA A 158 11.46 -12.22 -9.62
N ALA A 159 10.98 -11.27 -8.82
CA ALA A 159 11.77 -10.08 -8.51
C ALA A 159 13.02 -10.45 -7.73
N GLY A 160 12.86 -11.32 -6.72
CA GLY A 160 13.99 -11.65 -5.88
C GLY A 160 14.98 -12.54 -6.57
N GLN A 161 14.53 -13.32 -7.57
CA GLN A 161 15.43 -14.21 -8.29
C GLN A 161 15.98 -13.59 -9.56
N SER A 162 15.66 -12.36 -9.87
CA SER A 162 16.25 -11.70 -11.02
C SER A 162 17.73 -11.39 -10.75
N SER A 163 18.43 -11.08 -11.84
CA SER A 163 19.87 -10.87 -11.83
C SER A 163 20.14 -9.49 -12.42
N PRO A 164 20.38 -8.46 -11.59
CA PRO A 164 20.31 -8.42 -10.14
C PRO A 164 18.85 -8.44 -9.64
N PRO A 165 18.63 -8.73 -8.36
CA PRO A 165 17.25 -8.72 -7.84
C PRO A 165 16.65 -7.33 -7.93
N LEU A 166 15.35 -7.28 -8.20
CA LEU A 166 14.66 -6.00 -8.10
C LEU A 166 14.58 -5.56 -6.66
N THR A 167 14.34 -4.28 -6.46
CA THR A 167 13.96 -3.78 -5.14
C THR A 167 12.46 -3.96 -5.00
N SER A 168 12.04 -4.84 -4.09
CA SER A 168 10.62 -5.13 -3.96
C SER A 168 10.09 -4.53 -2.66
N VAL A 169 8.85 -4.05 -2.70
CA VAL A 169 8.22 -3.32 -1.61
C VAL A 169 6.82 -3.90 -1.44
N PHE A 170 6.49 -4.33 -0.22
CA PHE A 170 5.24 -5.04 0.03
C PHE A 170 4.46 -4.36 1.14
N ASN A 171 3.16 -4.19 0.94
CA ASN A 171 2.25 -3.63 1.93
C ASN A 171 1.17 -4.68 2.17
N PRO A 172 1.16 -5.37 3.31
CA PRO A 172 0.21 -6.52 3.44
C PRO A 172 -1.21 -6.09 3.77
N SER A 173 -1.89 -5.57 2.75
CA SER A 173 -3.24 -5.02 2.92
C SER A 173 -4.15 -5.55 1.82
N PRO A 174 -5.27 -6.19 2.15
CA PRO A 174 -5.69 -6.55 3.52
C PRO A 174 -4.76 -7.57 4.14
N MET A 175 -4.81 -7.76 5.46
CA MET A 175 -3.83 -8.63 6.12
C MET A 175 -3.98 -10.09 5.67
N LEU A 176 -2.84 -10.75 5.52
CA LEU A 176 -2.74 -12.17 5.20
C LEU A 176 -3.11 -12.99 6.43
N THR A 177 -3.48 -14.27 6.21
CA THR A 177 -3.73 -15.15 7.35
C THR A 177 -2.41 -15.43 8.06
N PRO A 178 -2.45 -15.82 9.34
CA PRO A 178 -1.18 -16.08 10.04
C PRO A 178 -0.36 -17.14 9.36
N ALA A 179 -0.99 -18.20 8.85
CA ALA A 179 -0.20 -19.22 8.16
C ALA A 179 0.44 -18.67 6.89
N GLN A 180 -0.30 -17.85 6.14
CA GLN A 180 0.28 -17.24 4.96
C GLN A 180 1.48 -16.36 5.32
N LEU A 181 1.38 -15.59 6.40
CA LEU A 181 2.51 -14.77 6.83
C LEU A 181 3.71 -15.65 7.18
N ARG A 182 3.48 -16.75 7.88
CA ARG A 182 4.59 -17.61 8.27
C ARG A 182 5.25 -18.31 7.10
N GLU A 183 4.55 -18.45 5.98
CA GLU A 183 5.10 -19.16 4.83
C GLU A 183 5.55 -18.21 3.72
N PHE A 184 5.35 -16.92 3.92
CA PHE A 184 5.67 -15.91 2.92
C PHE A 184 7.17 -15.86 2.65
N PRO A 185 7.60 -15.69 1.39
CA PRO A 185 9.04 -15.72 1.06
C PRO A 185 9.70 -14.38 1.38
N TRP A 186 9.79 -14.07 2.67
CA TRP A 186 10.38 -12.80 3.11
C TRP A 186 11.78 -12.60 2.57
N LYS A 187 12.53 -13.68 2.32
CA LYS A 187 13.90 -13.48 1.87
C LYS A 187 13.98 -12.72 0.55
N HIS A 188 12.91 -12.71 -0.25
CA HIS A 188 12.92 -12.01 -1.55
C HIS A 188 12.54 -10.54 -1.44
N LEU A 189 12.09 -10.11 -0.27
CA LEU A 189 11.48 -8.80 -0.13
C LEU A 189 12.50 -7.76 0.32
N SER A 190 12.56 -6.64 -0.38
CA SER A 190 13.50 -5.59 0.05
C SER A 190 12.93 -4.73 1.16
N TRP A 191 11.65 -4.35 1.06
CA TRP A 191 11.02 -3.44 2.00
C TRP A 191 9.63 -3.89 2.37
N LEU A 192 9.33 -3.90 3.67
CA LEU A 192 7.98 -4.10 4.17
C LEU A 192 7.45 -2.75 4.65
N ILE A 193 6.25 -2.36 4.21
CA ILE A 193 5.60 -1.15 4.68
C ILE A 193 4.34 -1.57 5.43
N VAL A 194 4.27 -1.21 6.71
CA VAL A 194 3.13 -1.51 7.58
C VAL A 194 2.80 -0.30 8.42
N ASN A 195 1.57 -0.27 8.98
CA ASN A 195 1.26 0.60 10.11
C ASN A 195 1.43 -0.21 11.40
N GLU A 196 1.25 0.42 12.57
CA GLU A 196 1.58 -0.29 13.79
C GLU A 196 0.67 -1.50 14.01
N GLY A 197 -0.57 -1.46 13.57
CA GLY A 197 -1.44 -2.62 13.74
C GLY A 197 -1.01 -3.80 12.86
N GLU A 198 -0.55 -3.50 11.65
CA GLU A 198 -0.05 -4.57 10.78
C GLU A 198 1.26 -5.15 11.29
N LEU A 199 2.11 -4.30 11.86
CA LEU A 199 3.31 -4.80 12.54
C LEU A 199 2.92 -5.79 13.64
N GLY A 200 1.92 -5.45 14.45
CA GLY A 200 1.47 -6.40 15.48
C GLY A 200 0.91 -7.69 14.89
N ASP A 201 0.21 -7.59 13.76
CA ASP A 201 -0.32 -8.81 13.12
C ASP A 201 0.80 -9.76 12.77
N LEU A 202 1.89 -9.24 12.20
CA LEU A 202 3.01 -10.12 11.87
C LEU A 202 3.62 -10.70 13.14
N LEU A 203 3.90 -9.83 14.13
CA LEU A 203 4.52 -10.34 15.35
C LEU A 203 3.66 -11.42 15.99
N LEU A 204 2.33 -11.22 16.01
CA LEU A 204 1.44 -12.21 16.60
C LEU A 204 1.47 -13.50 15.80
N ALA A 205 1.49 -13.41 14.47
CA ALA A 205 1.53 -14.62 13.66
C ALA A 205 2.85 -15.35 13.85
N PHE A 206 3.91 -14.63 14.23
CA PHE A 206 5.24 -15.21 14.35
C PHE A 206 5.55 -15.63 15.78
N GLY A 207 4.52 -15.75 16.62
CA GLY A 207 4.67 -16.32 17.94
C GLY A 207 5.06 -15.34 19.03
N SER A 208 5.18 -14.06 18.70
CA SER A 208 5.53 -13.04 19.68
C SER A 208 4.31 -12.69 20.51
N SER A 209 4.55 -12.24 21.75
CA SER A 209 3.47 -11.58 22.48
C SER A 209 3.49 -10.05 22.31
N ALA A 210 4.51 -9.50 21.65
CA ALA A 210 4.50 -8.08 21.36
C ALA A 210 3.35 -7.75 20.42
N ASN A 211 2.64 -6.66 20.70
CA ASN A 211 1.62 -6.16 19.78
C ASN A 211 1.59 -4.64 19.82
N PRO A 212 2.44 -3.99 19.01
CA PRO A 212 2.44 -2.52 19.02
C PRO A 212 1.09 -1.94 18.62
N GLY A 213 0.21 -2.73 18.02
CA GLY A 213 -1.11 -2.20 17.71
C GLY A 213 -1.95 -1.87 18.93
N GLU A 214 -1.52 -2.29 20.13
CA GLU A 214 -2.25 -2.04 21.36
C GLU A 214 -1.56 -1.03 22.27
N ALA A 215 -0.37 -0.56 21.92
CA ALA A 215 0.35 0.39 22.74
C ALA A 215 -0.42 1.72 22.86
N LYS A 216 -0.19 2.44 23.96
CA LYS A 216 -0.69 3.80 24.09
C LYS A 216 0.06 4.73 23.15
N GLU A 217 -0.59 5.83 22.78
CA GLU A 217 0.00 6.76 21.81
C GLU A 217 1.36 7.30 22.28
N ASP A 218 1.57 7.38 23.60
CA ASP A 218 2.84 7.86 24.14
C ASP A 218 3.92 6.78 24.15
N GLU A 219 3.51 5.51 24.24
CA GLU A 219 4.41 4.36 24.24
C GLU A 219 4.62 3.78 22.85
N LEU A 220 3.94 4.32 21.85
CA LEU A 220 3.89 3.66 20.55
C LEU A 220 5.25 3.67 19.86
N GLN A 221 5.95 4.82 19.87
CA GLN A 221 7.26 4.87 19.22
C GLN A 221 8.18 3.82 19.82
N ALA A 222 8.20 3.74 21.15
CA ALA A 222 9.05 2.77 21.83
C ALA A 222 8.66 1.34 21.52
N LYS A 223 7.37 1.00 21.61
CA LYS A 223 6.94 -0.39 21.40
C LYS A 223 7.07 -0.79 19.95
N ALA A 224 6.74 0.13 19.02
CA ALA A 224 6.89 -0.21 17.61
C ALA A 224 8.35 -0.36 17.24
N SER A 225 9.25 0.45 17.84
CA SER A 225 10.67 0.33 17.54
C SER A 225 11.19 -1.04 17.98
N ALA A 226 10.85 -1.43 19.22
CA ALA A 226 11.23 -2.75 19.71
C ALA A 226 10.58 -3.84 18.87
N GLY A 227 9.35 -3.62 18.42
CA GLY A 227 8.69 -4.63 17.59
C GLY A 227 9.39 -4.81 16.24
N ILE A 228 9.89 -3.71 15.66
CA ILE A 228 10.66 -3.84 14.42
C ILE A 228 11.92 -4.67 14.65
N LEU A 229 12.64 -4.36 15.73
CA LEU A 229 13.89 -5.09 16.00
C LEU A 229 13.60 -6.56 16.29
N GLU A 230 12.49 -6.85 16.98
CA GLU A 230 12.09 -8.22 17.25
C GLU A 230 11.73 -8.96 15.96
N LEU A 231 10.96 -8.29 15.10
CA LEU A 231 10.58 -8.87 13.83
C LEU A 231 11.81 -9.22 13.02
N HIS A 232 12.80 -8.32 13.01
CA HIS A 232 14.04 -8.55 12.27
C HIS A 232 14.67 -9.89 12.64
N GLU A 233 14.68 -10.22 13.94
CA GLU A 233 15.35 -11.41 14.44
C GLU A 233 14.48 -12.66 14.37
N ASN A 234 13.22 -12.54 13.98
CA ASN A 234 12.30 -13.66 14.11
C ASN A 234 12.54 -14.68 13.00
N ASP A 235 12.60 -15.97 13.35
CA ASP A 235 12.98 -16.96 12.34
C ASP A 235 11.93 -17.13 11.24
N TYR A 236 10.69 -16.68 11.46
CA TYR A 236 9.71 -16.73 10.38
C TYR A 236 9.92 -15.64 9.36
N PHE A 237 10.67 -14.61 9.72
CA PHE A 237 10.83 -13.42 8.88
C PHE A 237 12.13 -13.61 8.09
N SER A 238 12.77 -12.52 7.68
CA SER A 238 14.10 -12.61 7.09
C SER A 238 14.91 -11.40 7.51
N LYS A 239 16.20 -11.59 7.77
CA LYS A 239 17.06 -10.47 8.19
C LYS A 239 17.37 -9.52 7.04
N ASN A 240 16.96 -9.85 5.82
CA ASN A 240 17.30 -8.99 4.70
C ASN A 240 16.26 -7.90 4.42
N VAL A 241 15.16 -7.88 5.17
CA VAL A 241 14.01 -7.01 4.89
C VAL A 241 14.15 -5.70 5.66
N GLY A 242 14.12 -4.56 4.94
CA GLY A 242 13.95 -3.28 5.61
C GLY A 242 12.50 -3.07 5.99
N ILE A 243 12.26 -2.29 7.03
CA ILE A 243 10.90 -2.08 7.53
C ILE A 243 10.62 -0.58 7.68
N ILE A 244 9.48 -0.16 7.13
CA ILE A 244 8.91 1.17 7.38
C ILE A 244 7.62 0.92 8.16
N CYS A 245 7.51 1.48 9.36
CA CYS A 245 6.27 1.36 10.13
C CYS A 245 5.67 2.75 10.30
N THR A 246 4.53 3.00 9.66
CA THR A 246 3.86 4.27 9.84
C THR A 246 3.12 4.26 11.17
N LEU A 247 3.16 5.37 11.89
CA LEU A 247 2.47 5.51 13.15
C LEU A 247 1.44 6.63 13.09
N GLY A 248 0.80 6.82 11.94
CA GLY A 248 -0.24 7.84 11.80
C GLY A 248 0.32 9.24 12.03
N ALA A 249 -0.43 10.06 12.76
CA ALA A 249 0.05 11.39 13.08
C ALA A 249 1.29 11.38 13.95
N LYS A 250 1.59 10.25 14.61
CA LYS A 250 2.76 10.15 15.45
C LYS A 250 4.04 9.86 14.67
N GLY A 251 4.01 9.93 13.33
CA GLY A 251 5.23 9.83 12.55
C GLY A 251 5.46 8.47 11.92
N ILE A 252 6.72 8.20 11.60
CA ILE A 252 7.10 6.94 10.98
C ILE A 252 8.42 6.45 11.57
N LEU A 253 8.60 5.13 11.52
CA LEU A 253 9.85 4.48 11.87
C LEU A 253 10.45 3.82 10.62
N CYS A 254 11.75 3.90 10.47
CA CYS A 254 12.44 3.33 9.33
CA CYS A 254 12.43 3.31 9.33
C CYS A 254 13.58 2.47 9.84
N TYR A 255 13.75 1.28 9.26
CA TYR A 255 14.77 0.35 9.70
C TYR A 255 15.39 -0.32 8.47
N GLU A 256 16.71 -0.17 8.32
CA GLU A 256 17.46 -1.02 7.41
C GLU A 256 18.18 -2.12 8.18
N PRO A 257 18.23 -3.32 7.60
CA PRO A 257 18.84 -4.45 8.31
C PRO A 257 20.16 -4.09 8.97
N GLY A 258 20.23 -4.35 10.28
CA GLY A 258 21.44 -4.14 11.05
C GLY A 258 21.67 -2.71 11.49
N LYS A 259 20.81 -1.77 11.12
CA LYS A 259 21.06 -0.38 11.45
C LYS A 259 20.17 0.07 12.61
N GLU A 260 20.28 1.34 12.97
CA GLU A 260 19.39 1.94 13.97
C GLU A 260 18.00 2.16 13.41
N VAL A 261 16.98 1.92 14.24
CA VAL A 261 15.62 2.34 13.86
C VAL A 261 15.58 3.86 13.90
N GLY A 262 15.23 4.47 12.78
CA GLY A 262 15.12 5.93 12.71
C GLY A 262 13.69 6.37 12.88
N TYR A 263 13.49 7.54 13.49
CA TYR A 263 12.15 8.08 13.68
C TYR A 263 12.04 9.44 13.01
N LEU A 264 10.97 9.63 12.25
CA LEU A 264 10.63 10.94 11.69
C LEU A 264 9.23 11.36 12.10
N PRO A 265 9.04 12.57 12.63
CA PRO A 265 7.70 13.04 12.97
C PRO A 265 6.93 13.41 11.71
N ALA A 266 5.61 13.34 11.82
CA ALA A 266 4.78 13.71 10.69
C ALA A 266 4.86 15.21 10.45
N ALA A 267 4.78 15.59 9.17
CA ALA A 267 4.78 17.00 8.84
C ALA A 267 3.61 17.71 9.52
N LYS A 268 3.78 19.01 9.80
CA LYS A 268 2.69 19.78 10.39
C LYS A 268 1.63 20.07 9.33
N LEU A 269 0.36 20.00 9.75
CA LEU A 269 -0.75 20.16 8.81
C LEU A 269 -1.03 21.63 8.54
N GLN A 270 -1.46 21.91 7.31
CA GLN A 270 -1.83 23.26 6.89
C GLN A 270 -3.30 23.38 6.51
N ASN A 271 -4.05 22.29 6.54
CA ASN A 271 -5.49 22.30 6.31
C ASN A 271 -6.08 21.16 7.11
N PRO A 272 -7.34 21.26 7.53
CA PRO A 272 -7.92 20.22 8.39
C PRO A 272 -7.82 18.84 7.75
N VAL A 273 -7.60 17.83 8.60
CA VAL A 273 -7.58 16.44 8.15
C VAL A 273 -8.96 16.08 7.63
N LYS A 274 -9.03 15.72 6.34
CA LYS A 274 -10.30 15.38 5.71
C LYS A 274 -10.49 13.86 5.65
N ASP A 275 -9.69 13.18 4.83
CA ASP A 275 -9.84 11.75 4.64
C ASP A 275 -8.49 11.10 4.43
N THR A 276 -8.20 10.09 5.22
CA THR A 276 -6.91 9.41 5.17
C THR A 276 -6.93 8.15 4.31
N THR A 277 -8.04 7.86 3.64
CA THR A 277 -8.03 6.73 2.71
C THR A 277 -6.96 6.99 1.65
N GLY A 278 -6.11 5.99 1.44
CA GLY A 278 -5.01 6.14 0.51
C GLY A 278 -3.87 7.02 0.96
N ALA A 279 -3.96 7.65 2.14
CA ALA A 279 -2.80 8.37 2.67
C ALA A 279 -1.63 7.42 2.86
N GLY A 280 -1.89 6.21 3.37
CA GLY A 280 -0.85 5.20 3.40
C GLY A 280 -0.39 4.81 2.02
N ASP A 281 -1.35 4.71 1.07
CA ASP A 281 -0.98 4.40 -0.31
C ASP A 281 -0.14 5.53 -0.91
N CYS A 282 -0.52 6.78 -0.64
CA CYS A 282 0.30 7.90 -1.05
C CYS A 282 1.73 7.73 -0.53
N PHE A 283 1.87 7.49 0.77
CA PHE A 283 3.20 7.31 1.35
C PHE A 283 3.99 6.24 0.61
N ALA A 284 3.36 5.08 0.36
CA ALA A 284 4.07 3.97 -0.27
C ALA A 284 4.59 4.34 -1.66
N GLY A 285 3.75 4.95 -2.49
CA GLY A 285 4.20 5.34 -3.81
C GLY A 285 5.29 6.40 -3.78
N TYR A 286 5.14 7.41 -2.91
CA TYR A 286 6.22 8.39 -2.77
C TYR A 286 7.49 7.76 -2.23
N PHE A 287 7.38 6.77 -1.35
CA PHE A 287 8.57 6.10 -0.85
C PHE A 287 9.29 5.36 -1.97
N VAL A 288 8.55 4.60 -2.77
CA VAL A 288 9.14 3.92 -3.91
C VAL A 288 9.73 4.92 -4.90
N ALA A 289 9.01 6.00 -5.19
CA ALA A 289 9.59 7.00 -6.08
C ALA A 289 10.87 7.59 -5.49
N GLY A 290 10.93 7.69 -4.16
CA GLY A 290 12.15 8.15 -3.52
C GLY A 290 13.28 7.15 -3.64
N LEU A 291 12.96 5.85 -3.53
CA LEU A 291 13.97 4.84 -3.76
C LEU A 291 14.49 4.91 -5.20
N MET A 292 13.59 5.09 -6.16
CA MET A 292 14.00 5.13 -7.56
C MET A 292 14.78 6.39 -7.93
N SER A 293 14.55 7.51 -7.23
CA SER A 293 15.12 8.79 -7.62
C SER A 293 16.62 8.91 -7.35
N GLY A 294 17.21 7.94 -6.66
CA GLY A 294 18.57 8.12 -6.22
C GLY A 294 18.72 8.97 -4.98
N LYS A 295 17.62 9.50 -4.43
CA LYS A 295 17.67 10.23 -3.18
C LYS A 295 18.20 9.33 -2.07
N SER A 296 18.86 9.95 -1.09
CA SER A 296 19.13 9.25 0.14
C SER A 296 17.82 8.82 0.77
N LEU A 297 17.89 7.80 1.63
CA LEU A 297 16.69 7.32 2.31
C LEU A 297 16.08 8.40 3.19
N GLN A 298 16.91 9.18 3.88
CA GLN A 298 16.37 10.22 4.76
C GLN A 298 15.65 11.30 3.95
N ASP A 299 16.19 11.66 2.77
CA ASP A 299 15.53 12.64 1.92
C ASP A 299 14.24 12.09 1.33
N ALA A 300 14.26 10.82 0.89
CA ALA A 300 13.06 10.23 0.33
C ALA A 300 11.94 10.19 1.36
N LEU A 301 12.29 9.88 2.62
CA LEU A 301 11.29 9.82 3.67
C LEU A 301 10.75 11.19 4.00
N LYS A 302 11.62 12.21 4.05
CA LYS A 302 11.13 13.55 4.36
C LYS A 302 10.13 14.02 3.31
N THR A 303 10.40 13.71 2.04
CA THR A 303 9.47 14.09 0.97
C THR A 303 8.14 13.37 1.12
N CYS A 304 8.19 12.05 1.39
CA CYS A 304 6.97 11.29 1.65
C CYS A 304 6.11 11.96 2.70
N LEU A 305 6.73 12.42 3.79
CA LEU A 305 5.96 12.99 4.90
C LEU A 305 5.22 14.25 4.46
N VAL A 306 5.87 15.10 3.68
CA VAL A 306 5.20 16.30 3.18
C VAL A 306 4.07 15.92 2.22
N ALA A 307 4.29 14.92 1.37
CA ALA A 307 3.30 14.56 0.36
C ALA A 307 2.03 14.00 0.98
N CYS A 308 2.17 12.96 1.83
CA CYS A 308 0.98 12.37 2.42
C CYS A 308 0.30 13.28 3.43
N GLY A 309 1.03 14.27 3.98
CA GLY A 309 0.37 15.29 4.76
C GLY A 309 -0.59 16.12 3.94
N ILE A 310 -0.14 16.53 2.74
CA ILE A 310 -1.02 17.15 1.76
C ILE A 310 -2.19 16.23 1.44
N CYS A 311 -1.91 14.92 1.32
CA CYS A 311 -2.91 13.96 0.88
C CYS A 311 -4.06 13.83 1.88
N VAL A 312 -3.74 13.85 3.19
CA VAL A 312 -4.78 13.71 4.20
C VAL A 312 -5.71 14.91 4.26
N GLU A 313 -5.36 16.02 3.60
CA GLU A 313 -6.18 17.22 3.57
C GLU A 313 -7.29 17.18 2.53
N ASN A 314 -7.33 16.16 1.67
CA ASN A 314 -8.28 16.10 0.57
C ASN A 314 -8.96 14.73 0.54
N GLU A 315 -9.93 14.59 -0.37
CA GLU A 315 -10.97 13.58 -0.21
C GLU A 315 -10.65 12.22 -0.85
N GLY A 316 -10.10 12.20 -2.06
CA GLY A 316 -9.94 10.96 -2.80
C GLY A 316 -8.63 10.25 -2.55
N ALA A 317 -8.66 8.92 -2.65
CA ALA A 317 -7.43 8.15 -2.51
C ALA A 317 -6.46 8.46 -3.64
N MET A 318 -6.96 8.54 -4.88
CA MET A 318 -6.13 8.92 -6.02
C MET A 318 -6.09 10.43 -6.25
N GLU A 319 -7.23 11.11 -6.09
CA GLU A 319 -7.32 12.53 -6.44
C GLU A 319 -6.44 13.41 -5.54
N SER A 320 -6.20 13.01 -4.30
CA SER A 320 -5.49 13.87 -3.35
C SER A 320 -3.99 13.64 -3.34
N VAL A 321 -3.47 12.75 -4.19
CA VAL A 321 -2.03 12.54 -4.27
C VAL A 321 -1.37 13.76 -4.90
N PRO A 322 -0.52 14.48 -4.17
CA PRO A 322 0.07 15.71 -4.70
C PRO A 322 1.10 15.43 -5.78
N THR A 323 1.43 16.46 -6.54
CA THR A 323 2.56 16.45 -7.44
C THR A 323 3.84 16.76 -6.68
N LEU A 324 4.98 16.55 -7.33
CA LEU A 324 6.29 16.72 -6.67
C LEU A 324 6.56 18.21 -6.44
N ASN A 325 6.62 18.60 -5.17
CA ASN A 325 6.73 20.02 -4.79
C ASN A 325 7.72 20.25 -3.66
C1 GOL B . -8.29 2.33 -1.22
O1 GOL B . -8.70 3.35 -2.17
C2 GOL B . -9.41 1.26 -1.23
O2 GOL B . -9.73 0.87 -2.53
C3 GOL B . -8.96 0.08 -0.35
O3 GOL B . -7.79 -0.45 -0.98
P PO4 C . -1.91 -20.01 -1.62
O1 PO4 C . -1.13 -18.88 -2.27
O2 PO4 C . -2.32 -19.63 -0.20
O3 PO4 C . -3.14 -20.26 -2.49
O4 PO4 C . -1.07 -21.27 -1.57
#